data_7X2M
#
_entry.id   7X2M
#
_cell.length_a   143.619
_cell.length_b   143.619
_cell.length_c   143.619
_cell.angle_alpha   90.000
_cell.angle_beta   90.000
_cell.angle_gamma   90.000
#
_symmetry.space_group_name_H-M   'I 2 3'
#
loop_
_entity.id
_entity.type
_entity.pdbx_description
1 polymer 'Spike protein S1'
2 polymer 1-2C7
3 branched 2-acetamido-2-deoxy-beta-D-glucopyranose-(1-4)-[alpha-D-mannopyranose-(1-6)]2-acetamido-2-deoxy-beta-D-glucopyranose
4 water water
#
loop_
_entity_poly.entity_id
_entity_poly.type
_entity_poly.pdbx_seq_one_letter_code
_entity_poly.pdbx_strand_id
1 'polypeptide(L)'
;TNLCPFGEVFNATRFASVYAWNRKRISNCVADYSVLYNSASFSTFKCYGVSPTKLNDLCFTNVYADSFVIRGDEVRQIAP
GQTGNIADYNYKLPDDFTGCVIAWNSNNLDSKVGGNYNYLYRLFRKSNLKPFERDISTEIYQAGSTPCNGVKGFNCYFPL
QSYGFQPTYGVGYQPYRVVVLSFELLHAPATVCGPKKHHHHHH
;
E
2 'polypeptide(L)'
;QVQLQESGGGLVQPGGSLRLSCAASGDTLDLYAIGWFRQTPGEEREGVSCISPSGSRTNYADSVKGRFTISRDNAKNTVY
LQMNGLRPEDTAVYFCAGSRPSAHYCSHYPTEYDDWGQGTQVTV
;
B
#
loop_
_chem_comp.id
_chem_comp.type
_chem_comp.name
_chem_comp.formula
MAN D-saccharide, alpha linking alpha-D-mannopyranose 'C6 H12 O6'
NAG D-saccharide, beta linking 2-acetamido-2-deoxy-beta-D-glucopyranose 'C8 H15 N O6'
#
# COMPACT_ATOMS: atom_id res chain seq x y z
N THR A 1 -18.85 -25.83 -1.03
CA THR A 1 -18.51 -26.10 0.39
C THR A 1 -17.03 -25.84 0.65
N ASN A 2 -16.15 -26.34 -0.20
CA ASN A 2 -14.68 -26.18 0.01
C ASN A 2 -14.28 -24.70 0.06
N LEU A 3 -13.62 -24.26 1.12
CA LEU A 3 -13.16 -22.87 1.17
C LEU A 3 -12.01 -22.66 0.18
N CYS A 4 -11.97 -21.47 -0.42
CA CYS A 4 -10.89 -21.18 -1.34
C CYS A 4 -9.56 -21.18 -0.60
N PRO A 5 -8.49 -21.64 -1.22
CA PRO A 5 -7.18 -21.80 -0.55
C PRO A 5 -6.42 -20.48 -0.44
N PHE A 6 -7.06 -19.47 0.16
CA PHE A 6 -6.37 -18.19 0.32
C PHE A 6 -5.19 -18.30 1.26
N GLY A 7 -5.23 -19.24 2.21
CA GLY A 7 -4.10 -19.43 3.10
C GLY A 7 -2.83 -19.77 2.34
N GLU A 8 -2.95 -20.62 1.32
CA GLU A 8 -1.78 -20.99 0.52
C GLU A 8 -1.19 -19.80 -0.21
N VAL A 9 -2.01 -18.76 -0.46
CA VAL A 9 -1.52 -17.60 -1.20
C VAL A 9 -0.92 -16.60 -0.23
N PHE A 10 -1.70 -16.20 0.78
CA PHE A 10 -1.26 -15.14 1.68
C PHE A 10 -0.17 -15.61 2.64
N ASN A 11 -0.22 -16.88 3.06
CA ASN A 11 0.68 -17.40 4.07
C ASN A 11 1.74 -18.33 3.49
N ALA A 12 1.97 -18.28 2.18
CA ALA A 12 3.04 -19.05 1.58
C ALA A 12 4.37 -18.74 2.26
N THR A 13 5.16 -19.78 2.48
CA THR A 13 6.47 -19.57 3.12
C THR A 13 7.37 -18.72 2.25
N ARG A 14 7.37 -18.98 0.95
CA ARG A 14 8.18 -18.26 -0.02
C ARG A 14 7.28 -17.46 -0.96
N PHE A 15 7.69 -16.25 -1.28
CA PHE A 15 7.02 -15.45 -2.30
C PHE A 15 7.96 -15.27 -3.49
N ALA A 16 7.36 -15.05 -4.66
CA ALA A 16 8.14 -14.84 -5.86
C ALA A 16 8.78 -13.46 -5.89
N SER A 17 9.91 -13.36 -6.59
CA SER A 17 10.41 -12.04 -7.00
C SER A 17 9.41 -11.40 -7.95
N VAL A 18 9.35 -10.06 -7.93
CA VAL A 18 8.35 -9.37 -8.73
C VAL A 18 8.56 -9.60 -10.23
N TYR A 19 9.81 -9.71 -10.69
CA TYR A 19 10.01 -9.95 -12.12
C TYR A 19 9.45 -11.30 -12.53
N ALA A 20 9.42 -12.25 -11.60
CA ALA A 20 8.89 -13.60 -11.84
C ALA A 20 7.60 -13.82 -11.05
N TRP A 21 6.73 -12.82 -11.05
CA TRP A 21 5.53 -12.86 -10.21
C TRP A 21 4.71 -14.12 -10.46
N ASN A 22 4.23 -14.71 -9.35
CA ASN A 22 3.46 -15.94 -9.39
CA ASN A 22 3.46 -15.94 -9.38
C ASN A 22 1.99 -15.63 -9.66
N ARG A 23 1.33 -16.52 -10.40
CA ARG A 23 -0.12 -16.46 -10.57
C ARG A 23 -0.73 -17.78 -10.14
N LYS A 24 -1.74 -17.71 -9.29
CA LYS A 24 -2.48 -18.86 -8.81
C LYS A 24 -3.94 -18.72 -9.24
N ARG A 25 -4.45 -19.71 -9.96
CA ARG A 25 -5.86 -19.70 -10.32
C ARG A 25 -6.69 -20.29 -9.18
N ILE A 26 -7.71 -19.54 -8.76
CA ILE A 26 -8.64 -19.97 -7.71
C ILE A 26 -9.94 -20.34 -8.40
N SER A 27 -10.46 -21.56 -8.12
CA SER A 27 -11.72 -21.95 -8.73
C SER A 27 -12.41 -23.01 -7.89
N ASN A 28 -13.72 -23.15 -8.10
CA ASN A 28 -14.50 -24.24 -7.51
C ASN A 28 -14.43 -24.22 -5.99
N CYS A 29 -14.73 -23.07 -5.39
CA CYS A 29 -14.55 -22.93 -3.97
C CYS A 29 -15.34 -21.73 -3.47
N VAL A 30 -15.47 -21.64 -2.15
CA VAL A 30 -16.20 -20.57 -1.49
C VAL A 30 -15.18 -19.55 -0.98
N ALA A 31 -15.33 -18.30 -1.40
CA ALA A 31 -14.38 -17.23 -1.08
C ALA A 31 -15.00 -16.29 -0.07
N ASP A 32 -14.27 -15.99 1.01
CA ASP A 32 -14.74 -14.99 1.97
C ASP A 32 -13.75 -13.85 1.94
N TYR A 33 -14.04 -12.85 1.10
CA TYR A 33 -13.17 -11.68 1.00
C TYR A 33 -13.32 -10.77 2.20
N SER A 34 -14.51 -10.70 2.78
CA SER A 34 -14.75 -9.80 3.91
C SER A 34 -13.88 -10.17 5.11
N VAL A 35 -13.63 -11.47 5.30
CA VAL A 35 -12.75 -11.89 6.39
C VAL A 35 -11.34 -11.35 6.19
N LEU A 36 -10.87 -11.28 4.95
CA LEU A 36 -9.58 -10.65 4.68
C LEU A 36 -9.62 -9.15 4.95
N TYR A 37 -10.66 -8.47 4.46
CA TYR A 37 -10.72 -7.03 4.59
C TYR A 37 -10.94 -6.58 6.02
N ASN A 38 -11.75 -7.32 6.78
CA ASN A 38 -12.14 -6.91 8.13
C ASN A 38 -11.09 -7.39 9.14
N SER A 39 -9.90 -6.81 9.00
CA SER A 39 -8.73 -7.24 9.75
C SER A 39 -7.79 -6.07 9.89
N ALA A 40 -6.78 -6.23 10.74
CA ALA A 40 -5.73 -5.24 10.88
C ALA A 40 -4.47 -5.63 10.10
N SER A 41 -4.60 -6.51 9.11
CA SER A 41 -3.44 -7.19 8.54
C SER A 41 -2.76 -6.44 7.40
N PHE A 42 -3.45 -5.57 6.67
CA PHE A 42 -2.95 -5.10 5.38
C PHE A 42 -2.85 -3.59 5.35
N SER A 43 -1.66 -3.09 4.99
CA SER A 43 -1.49 -1.64 4.87
C SER A 43 -2.02 -1.08 3.56
N THR A 44 -2.27 -1.95 2.57
CA THR A 44 -2.97 -1.59 1.34
C THR A 44 -4.02 -2.67 1.11
N PHE A 45 -5.25 -2.26 0.82
CA PHE A 45 -6.31 -3.20 0.46
C PHE A 45 -7.23 -2.36 -0.43
N LYS A 46 -6.76 -2.07 -1.63
CA LYS A 46 -7.43 -1.14 -2.53
C LYS A 46 -8.15 -1.92 -3.62
N CYS A 47 -9.45 -1.67 -3.79
CA CYS A 47 -10.18 -2.36 -4.85
C CYS A 47 -10.64 -1.35 -5.89
N TYR A 48 -10.66 -1.77 -7.15
CA TYR A 48 -10.94 -0.90 -8.27
C TYR A 48 -12.22 -1.38 -8.95
N GLY A 49 -13.15 -0.47 -9.18
CA GLY A 49 -14.45 -0.85 -9.69
C GLY A 49 -15.40 -1.55 -8.73
N VAL A 50 -14.98 -1.89 -7.51
CA VAL A 50 -15.85 -2.55 -6.53
C VAL A 50 -15.35 -2.21 -5.13
N SER A 51 -16.28 -2.20 -4.15
CA SER A 51 -15.89 -2.05 -2.75
C SER A 51 -15.49 -3.40 -2.14
N PRO A 52 -14.48 -3.44 -1.26
CA PRO A 52 -14.07 -4.74 -0.68
C PRO A 52 -15.19 -5.52 0.00
N THR A 53 -16.10 -4.85 0.69
CA THR A 53 -17.15 -5.58 1.39
C THR A 53 -18.28 -6.05 0.48
N LYS A 54 -18.24 -5.68 -0.79
CA LYS A 54 -19.27 -6.14 -1.71
C LYS A 54 -18.84 -7.40 -2.46
N LEU A 55 -17.56 -7.76 -2.40
CA LEU A 55 -17.06 -8.91 -3.13
C LEU A 55 -17.80 -10.20 -2.76
N ASN A 56 -18.15 -10.36 -1.47
CA ASN A 56 -18.82 -11.59 -1.04
C ASN A 56 -20.16 -11.80 -1.73
N ASP A 57 -20.76 -10.76 -2.32
CA ASP A 57 -22.05 -10.91 -2.98
C ASP A 57 -21.93 -11.44 -4.40
N LEU A 58 -20.73 -11.57 -4.93
CA LEU A 58 -20.55 -11.83 -6.35
C LEU A 58 -20.05 -13.25 -6.58
N CYS A 59 -20.22 -13.72 -7.82
CA CYS A 59 -19.77 -15.04 -8.25
C CYS A 59 -18.97 -14.91 -9.55
N PHE A 60 -17.81 -15.55 -9.60
CA PHE A 60 -16.93 -15.48 -10.77
C PHE A 60 -16.59 -16.86 -11.31
N THR A 61 -16.18 -16.89 -12.59
CA THR A 61 -15.76 -18.16 -13.19
C THR A 61 -14.43 -18.61 -12.59
N ASN A 62 -13.49 -17.69 -12.49
CA ASN A 62 -12.20 -17.92 -11.85
C ASN A 62 -11.77 -16.64 -11.15
N VAL A 63 -10.91 -16.79 -10.16
CA VAL A 63 -10.21 -15.68 -9.52
C VAL A 63 -8.73 -15.95 -9.64
N TYR A 64 -7.95 -14.94 -10.01
CA TYR A 64 -6.50 -15.08 -10.12
C TYR A 64 -5.86 -14.28 -9.01
N ALA A 65 -4.90 -14.89 -8.33
CA ALA A 65 -4.12 -14.24 -7.28
C ALA A 65 -2.66 -14.18 -7.72
N ASP A 66 -2.18 -12.98 -8.02
CA ASP A 66 -0.80 -12.73 -8.43
C ASP A 66 -0.04 -12.24 -7.21
N SER A 67 1.14 -12.80 -6.95
CA SER A 67 1.82 -12.42 -5.71
C SER A 67 3.33 -12.31 -5.93
N PHE A 68 3.96 -11.46 -5.11
CA PHE A 68 5.36 -11.09 -5.30
C PHE A 68 5.77 -10.17 -4.15
N VAL A 69 7.07 -9.85 -4.09
CA VAL A 69 7.63 -8.92 -3.09
C VAL A 69 8.27 -7.74 -3.80
N ILE A 70 8.00 -6.53 -3.29
CA ILE A 70 8.63 -5.28 -3.74
C ILE A 70 8.93 -4.44 -2.50
N ARG A 71 9.55 -3.28 -2.71
CA ARG A 71 9.75 -2.34 -1.61
C ARG A 71 8.43 -1.69 -1.23
N GLY A 72 8.33 -1.27 0.04
CA GLY A 72 7.12 -0.60 0.48
C GLY A 72 6.82 0.66 -0.33
N ASP A 73 7.87 1.40 -0.70
CA ASP A 73 7.64 2.64 -1.44
C ASP A 73 7.39 2.39 -2.92
N GLU A 74 7.31 1.11 -3.33
CA GLU A 74 6.92 0.74 -4.70
C GLU A 74 5.50 0.23 -4.79
N VAL A 75 4.84 0.00 -3.65
CA VAL A 75 3.47 -0.53 -3.69
C VAL A 75 2.56 0.39 -4.50
N ARG A 76 2.82 1.70 -4.44
CA ARG A 76 2.06 2.68 -5.23
C ARG A 76 2.12 2.41 -6.74
N GLN A 77 3.14 1.69 -7.22
CA GLN A 77 3.20 1.39 -8.64
C GLN A 77 2.30 0.24 -9.05
N ILE A 78 1.77 -0.52 -8.09
CA ILE A 78 0.86 -1.60 -8.39
C ILE A 78 -0.54 -1.00 -8.40
N ALA A 79 -0.82 -0.22 -9.43
CA ALA A 79 -2.10 0.43 -9.59
C ALA A 79 -2.26 0.81 -11.06
N PRO A 80 -3.48 1.00 -11.53
CA PRO A 80 -3.68 1.44 -12.91
C PRO A 80 -2.99 2.77 -13.19
N GLY A 81 -2.36 2.87 -14.36
CA GLY A 81 -1.84 4.13 -14.87
C GLY A 81 -0.55 4.61 -14.25
N GLN A 82 0.17 3.76 -13.55
CA GLN A 82 1.43 4.14 -12.91
C GLN A 82 2.61 3.88 -13.82
N THR A 83 3.71 4.56 -13.53
CA THR A 83 4.98 4.33 -14.21
C THR A 83 6.08 4.17 -13.18
N GLY A 84 7.25 3.76 -13.66
CA GLY A 84 8.38 3.45 -12.81
C GLY A 84 8.89 2.06 -13.10
N ASN A 85 10.01 1.71 -12.44
CA ASN A 85 10.68 0.46 -12.80
C ASN A 85 9.77 -0.76 -12.61
N ILE A 86 8.94 -0.76 -11.56
CA ILE A 86 8.12 -1.93 -11.30
C ILE A 86 6.95 -2.00 -12.29
N ALA A 87 6.21 -0.89 -12.44
CA ALA A 87 5.10 -0.89 -13.38
C ALA A 87 5.56 -1.07 -14.82
N ASP A 88 6.71 -0.48 -15.18
CA ASP A 88 7.17 -0.50 -16.57
C ASP A 88 7.74 -1.86 -16.95
N TYR A 89 8.52 -2.48 -16.06
CA TYR A 89 9.36 -3.59 -16.44
C TYR A 89 9.08 -4.88 -15.68
N ASN A 90 8.20 -4.86 -14.68
CA ASN A 90 8.04 -6.03 -13.82
C ASN A 90 6.60 -6.53 -13.71
N TYR A 91 5.67 -5.66 -13.35
CA TYR A 91 4.27 -6.09 -13.19
C TYR A 91 3.39 -4.90 -13.53
N LYS A 92 2.54 -5.04 -14.54
CA LYS A 92 1.78 -3.93 -15.10
C LYS A 92 0.29 -4.22 -15.00
N LEU A 93 -0.46 -3.31 -14.34
CA LEU A 93 -1.92 -3.46 -14.35
C LEU A 93 -2.52 -2.67 -15.50
N PRO A 94 -3.64 -3.12 -16.06
CA PRO A 94 -4.28 -2.36 -17.14
C PRO A 94 -4.97 -1.11 -16.62
N ASP A 95 -5.14 -0.14 -17.53
CA ASP A 95 -5.84 1.11 -17.19
C ASP A 95 -7.23 0.83 -16.63
N ASP A 96 -7.91 -0.19 -17.15
CA ASP A 96 -9.28 -0.49 -16.79
C ASP A 96 -9.36 -1.59 -15.73
N PHE A 97 -8.34 -1.69 -14.88
CA PHE A 97 -8.29 -2.77 -13.90
C PHE A 97 -9.52 -2.73 -13.00
N THR A 98 -10.12 -3.89 -12.82
CA THR A 98 -11.11 -4.13 -11.80
C THR A 98 -10.56 -5.29 -11.01
N GLY A 99 -10.50 -5.14 -9.73
CA GLY A 99 -9.82 -6.10 -8.88
C GLY A 99 -9.25 -5.36 -7.70
N CYS A 100 -8.47 -6.09 -6.89
CA CYS A 100 -7.96 -5.56 -5.64
C CYS A 100 -6.46 -5.77 -5.52
N VAL A 101 -5.81 -4.82 -4.87
CA VAL A 101 -4.38 -4.86 -4.57
C VAL A 101 -4.22 -4.86 -3.05
N ILE A 102 -3.56 -5.88 -2.51
CA ILE A 102 -3.45 -6.11 -1.08
C ILE A 102 -1.97 -6.22 -0.73
N ALA A 103 -1.52 -5.46 0.27
CA ALA A 103 -0.09 -5.49 0.59
C ALA A 103 0.14 -5.40 2.10
N TRP A 104 1.27 -5.97 2.53
CA TRP A 104 1.62 -5.92 3.94
C TRP A 104 3.13 -6.00 4.08
N ASN A 105 3.66 -5.30 5.08
CA ASN A 105 5.07 -5.30 5.36
C ASN A 105 5.55 -6.71 5.75
N SER A 106 6.57 -7.21 5.05
CA SER A 106 7.12 -8.55 5.28
C SER A 106 8.56 -8.51 5.77
N ASN A 107 8.96 -7.42 6.42
CA ASN A 107 10.31 -7.28 6.96
C ASN A 107 10.73 -8.50 7.77
N ASN A 108 9.86 -8.97 8.66
CA ASN A 108 10.26 -10.07 9.54
C ASN A 108 10.46 -11.37 8.78
N LEU A 109 9.85 -11.53 7.60
CA LEU A 109 9.96 -12.75 6.82
C LEU A 109 11.03 -12.67 5.75
N ASP A 110 11.18 -11.50 5.12
CA ASP A 110 11.92 -11.39 3.87
C ASP A 110 13.21 -10.59 3.99
N SER A 111 13.41 -9.81 5.05
CA SER A 111 14.71 -9.17 5.23
C SER A 111 15.68 -10.12 5.91
N LYS A 112 16.97 -9.91 5.68
CA LYS A 112 18.02 -10.58 6.44
C LYS A 112 18.99 -9.54 6.95
N VAL A 113 19.62 -9.83 8.08
CA VAL A 113 20.54 -8.88 8.71
C VAL A 113 21.60 -8.42 7.72
N GLY A 114 22.19 -9.36 6.99
CA GLY A 114 23.20 -9.00 6.00
C GLY A 114 22.62 -8.72 4.62
N GLY A 115 21.30 -8.72 4.49
CA GLY A 115 20.65 -8.48 3.20
C GLY A 115 20.17 -9.75 2.53
N ASN A 116 18.91 -9.75 2.09
CA ASN A 116 18.34 -10.87 1.36
C ASN A 116 18.47 -10.57 -0.13
N TYR A 117 19.44 -11.22 -0.76
CA TYR A 117 19.72 -11.00 -2.17
C TYR A 117 18.92 -11.91 -3.10
N ASN A 118 18.07 -12.77 -2.55
CA ASN A 118 17.28 -13.66 -3.38
C ASN A 118 16.14 -12.95 -4.11
N TYR A 119 15.67 -11.81 -3.61
CA TYR A 119 14.59 -11.08 -4.26
C TYR A 119 15.16 -10.10 -5.28
N LEU A 120 14.66 -10.15 -6.52
CA LEU A 120 15.19 -9.35 -7.62
C LEU A 120 14.08 -8.56 -8.29
N TYR A 121 14.47 -7.58 -9.09
CA TYR A 121 13.54 -6.88 -9.96
C TYR A 121 14.28 -6.57 -11.26
N ARG A 122 13.51 -6.40 -12.33
CA ARG A 122 14.10 -6.09 -13.63
C ARG A 122 14.33 -4.58 -13.72
N LEU A 123 15.58 -4.19 -14.00
CA LEU A 123 15.97 -2.80 -14.09
C LEU A 123 16.04 -2.29 -15.52
N PHE A 124 16.30 -3.17 -16.49
CA PHE A 124 16.47 -2.78 -17.88
C PHE A 124 15.56 -3.64 -18.76
N ARG A 125 14.90 -3.00 -19.71
CA ARG A 125 14.10 -3.72 -20.69
C ARG A 125 13.95 -2.84 -21.93
N LYS A 126 13.90 -3.49 -23.10
CA LYS A 126 13.81 -2.75 -24.36
C LYS A 126 12.49 -1.99 -24.51
N SER A 127 11.43 -2.41 -23.83
CA SER A 127 10.12 -1.77 -23.92
C SER A 127 9.32 -2.10 -22.68
N ASN A 128 8.25 -1.33 -22.44
CA ASN A 128 7.42 -1.56 -21.27
C ASN A 128 6.58 -2.83 -21.42
N LEU A 129 6.29 -3.47 -20.30
CA LEU A 129 5.37 -4.60 -20.29
C LEU A 129 3.97 -4.15 -20.66
N LYS A 130 3.25 -5.01 -21.40
CA LYS A 130 1.80 -4.89 -21.55
C LYS A 130 1.13 -5.38 -20.26
N PRO A 131 -0.15 -5.05 -20.05
CA PRO A 131 -0.82 -5.48 -18.80
C PRO A 131 -0.80 -6.99 -18.63
N PHE A 132 -0.41 -7.42 -17.42
CA PHE A 132 -0.32 -8.82 -17.01
C PHE A 132 0.72 -9.60 -17.80
N GLU A 133 1.62 -8.92 -18.51
CA GLU A 133 2.75 -9.60 -19.17
C GLU A 133 3.80 -9.95 -18.13
N ARG A 134 4.56 -11.01 -18.42
CA ARG A 134 5.60 -11.50 -17.53
C ARG A 134 6.87 -11.72 -18.34
N ASP A 135 8.01 -11.31 -17.80
CA ASP A 135 9.28 -11.49 -18.49
C ASP A 135 10.28 -12.05 -17.48
N ILE A 136 10.68 -13.30 -17.65
CA ILE A 136 11.66 -13.89 -16.76
C ILE A 136 12.98 -14.14 -17.49
N SER A 137 13.21 -13.49 -18.63
CA SER A 137 14.46 -13.71 -19.34
C SER A 137 15.64 -13.10 -18.59
N THR A 138 16.83 -13.63 -18.87
CA THR A 138 18.05 -13.15 -18.22
C THR A 138 19.12 -12.78 -19.22
N GLU A 139 18.75 -12.45 -20.47
CA GLU A 139 19.76 -12.10 -21.45
C GLU A 139 20.39 -10.75 -21.10
N ILE A 140 21.69 -10.65 -21.42
CA ILE A 140 22.41 -9.42 -21.13
C ILE A 140 21.80 -8.27 -21.89
N TYR A 141 21.61 -7.15 -21.20
CA TYR A 141 20.91 -6.00 -21.76
C TYR A 141 21.91 -5.09 -22.46
N GLN A 142 21.64 -4.77 -23.73
CA GLN A 142 22.53 -3.93 -24.53
C GLN A 142 22.11 -2.48 -24.34
N ALA A 143 22.88 -1.75 -23.53
CA ALA A 143 22.56 -0.36 -23.24
C ALA A 143 23.23 0.61 -24.18
N GLY A 144 24.26 0.17 -24.92
CA GLY A 144 24.90 1.02 -25.91
C GLY A 144 24.80 0.43 -27.30
N SER A 145 25.68 0.86 -28.19
CA SER A 145 25.69 0.37 -29.56
C SER A 145 26.59 -0.83 -29.75
N THR A 146 27.31 -1.27 -28.72
CA THR A 146 28.10 -2.47 -28.97
C THR A 146 27.29 -3.69 -28.57
N PRO A 147 27.16 -4.70 -29.44
CA PRO A 147 26.44 -5.92 -29.04
C PRO A 147 27.20 -6.63 -27.92
N CYS A 148 26.46 -7.38 -27.11
CA CYS A 148 27.02 -7.87 -25.86
C CYS A 148 27.59 -9.28 -25.96
N ASN A 149 27.26 -10.03 -27.01
CA ASN A 149 27.72 -11.42 -27.16
C ASN A 149 27.44 -12.24 -25.89
N GLY A 150 26.34 -11.92 -25.21
CA GLY A 150 25.86 -12.67 -24.05
C GLY A 150 26.71 -12.52 -22.80
N VAL A 151 27.61 -11.55 -22.75
CA VAL A 151 28.52 -11.36 -21.63
C VAL A 151 28.37 -9.94 -21.13
N LYS A 152 28.34 -9.77 -19.81
CA LYS A 152 28.31 -8.42 -19.27
C LYS A 152 29.67 -7.76 -19.45
N GLY A 153 29.65 -6.43 -19.53
CA GLY A 153 30.84 -5.67 -19.80
C GLY A 153 30.51 -4.22 -20.05
N PHE A 154 31.21 -3.59 -20.99
CA PHE A 154 30.95 -2.18 -21.28
C PHE A 154 29.55 -2.01 -21.84
N ASN A 155 28.73 -1.23 -21.12
CA ASN A 155 27.36 -0.92 -21.52
C ASN A 155 26.52 -2.18 -21.73
N CYS A 156 26.89 -3.27 -21.06
CA CYS A 156 26.19 -4.55 -21.17
C CYS A 156 25.91 -5.03 -19.76
N TYR A 157 24.64 -4.98 -19.35
CA TYR A 157 24.26 -5.18 -17.96
C TYR A 157 23.37 -6.40 -17.80
N PHE A 158 23.63 -7.18 -16.76
CA PHE A 158 22.64 -8.17 -16.34
C PHE A 158 21.34 -7.44 -16.00
N PRO A 159 20.19 -7.89 -16.50
CA PRO A 159 18.98 -7.05 -16.44
C PRO A 159 18.27 -7.07 -15.11
N LEU A 160 18.57 -8.02 -14.24
CA LEU A 160 17.90 -8.14 -12.95
C LEU A 160 18.82 -7.60 -11.88
N GLN A 161 18.25 -6.91 -10.91
CA GLN A 161 19.04 -6.35 -9.81
C GLN A 161 18.44 -6.83 -8.50
N SER A 162 19.29 -7.07 -7.52
CA SER A 162 18.80 -7.54 -6.23
C SER A 162 18.34 -6.40 -5.33
N TYR A 163 17.28 -6.68 -4.54
CA TYR A 163 16.84 -5.75 -3.51
C TYR A 163 17.74 -5.78 -2.29
N GLY A 164 18.33 -6.92 -1.98
CA GLY A 164 19.20 -7.00 -0.80
C GLY A 164 18.50 -6.56 0.49
N PHE A 165 17.25 -6.97 0.67
CA PHE A 165 16.41 -6.45 1.75
C PHE A 165 17.07 -6.63 3.10
N GLN A 166 17.08 -5.56 3.89
CA GLN A 166 17.66 -5.49 5.22
C GLN A 166 16.68 -4.83 6.17
N PRO A 167 16.82 -5.07 7.48
CA PRO A 167 15.94 -4.37 8.45
C PRO A 167 16.35 -2.92 8.69
N THR A 168 15.86 -2.05 7.81
CA THR A 168 16.19 -0.62 7.79
C THR A 168 15.30 0.17 8.74
N TYR A 169 15.69 1.42 8.99
CA TYR A 169 14.85 2.32 9.76
C TYR A 169 13.54 2.65 9.03
N GLY A 170 13.62 3.06 7.76
CA GLY A 170 12.42 3.45 7.02
C GLY A 170 11.71 2.25 6.43
N VAL A 171 10.39 2.15 6.66
CA VAL A 171 9.65 1.01 6.12
C VAL A 171 9.52 1.10 4.62
N GLY A 172 9.71 2.29 4.04
CA GLY A 172 9.63 2.41 2.59
C GLY A 172 10.64 1.55 1.86
N TYR A 173 11.77 1.27 2.50
CA TYR A 173 12.81 0.42 1.92
C TYR A 173 12.64 -1.05 2.26
N GLN A 174 11.68 -1.40 3.12
CA GLN A 174 11.52 -2.78 3.55
C GLN A 174 10.69 -3.58 2.56
N PRO A 175 10.81 -4.92 2.57
CA PRO A 175 9.98 -5.71 1.66
C PRO A 175 8.53 -5.73 2.10
N TYR A 176 7.65 -5.70 1.11
CA TYR A 176 6.22 -5.88 1.27
C TYR A 176 5.79 -7.02 0.38
N ARG A 177 4.95 -7.90 0.91
CA ARG A 177 4.31 -8.93 0.14
C ARG A 177 3.04 -8.35 -0.44
N VAL A 178 2.77 -8.66 -1.72
CA VAL A 178 1.65 -8.09 -2.46
C VAL A 178 0.85 -9.25 -3.05
N VAL A 179 -0.48 -9.16 -2.93
CA VAL A 179 -1.39 -10.06 -3.63
C VAL A 179 -2.34 -9.21 -4.45
N VAL A 180 -2.41 -9.48 -5.75
CA VAL A 180 -3.35 -8.79 -6.65
C VAL A 180 -4.43 -9.79 -7.03
N LEU A 181 -5.67 -9.47 -6.71
CA LEU A 181 -6.81 -10.32 -7.05
C LEU A 181 -7.49 -9.77 -8.30
N SER A 182 -7.68 -10.61 -9.30
CA SER A 182 -8.51 -10.21 -10.44
C SER A 182 -9.59 -11.26 -10.64
N PHE A 183 -10.72 -10.80 -11.17
CA PHE A 183 -11.95 -11.57 -11.15
C PHE A 183 -12.40 -11.77 -12.59
N GLU A 184 -12.56 -13.03 -13.01
CA GLU A 184 -12.79 -13.40 -14.40
C GLU A 184 -14.20 -13.95 -14.60
N LEU A 185 -14.91 -13.42 -15.60
CA LEU A 185 -16.19 -13.94 -16.05
C LEU A 185 -16.05 -14.53 -17.44
N LEU A 186 -16.30 -15.82 -17.57
CA LEU A 186 -16.38 -16.49 -18.87
C LEU A 186 -17.82 -16.92 -19.13
N HIS A 187 -18.09 -17.32 -20.38
CA HIS A 187 -19.39 -17.86 -20.75
C HIS A 187 -19.46 -19.29 -20.24
N ALA A 188 -19.58 -19.42 -18.93
CA ALA A 188 -19.50 -20.69 -18.23
C ALA A 188 -20.07 -20.50 -16.84
N PRO A 189 -20.47 -21.57 -16.16
CA PRO A 189 -21.06 -21.41 -14.83
C PRO A 189 -20.03 -20.87 -13.86
N ALA A 190 -20.50 -20.09 -12.88
CA ALA A 190 -19.57 -19.59 -11.88
C ALA A 190 -19.10 -20.74 -11.00
N THR A 191 -17.87 -20.62 -10.52
CA THR A 191 -17.34 -21.61 -9.59
C THR A 191 -16.77 -20.99 -8.32
N VAL A 192 -16.67 -19.65 -8.22
CA VAL A 192 -16.12 -18.97 -7.04
C VAL A 192 -17.13 -17.93 -6.56
N CYS A 193 -17.89 -18.26 -5.52
CA CYS A 193 -18.85 -17.35 -4.92
C CYS A 193 -18.47 -17.05 -3.48
N GLY A 194 -19.00 -15.92 -2.97
CA GLY A 194 -18.93 -15.64 -1.57
C GLY A 194 -19.79 -16.61 -0.77
N PRO A 195 -19.73 -16.48 0.56
CA PRO A 195 -20.62 -17.30 1.41
C PRO A 195 -22.07 -16.96 1.12
N LYS A 196 -22.89 -18.01 1.00
CA LYS A 196 -24.29 -17.96 0.52
C LYS A 196 -24.77 -16.61 0.01
N GLN B 1 -9.46 8.13 -4.83
CA GLN B 1 -8.58 9.01 -4.05
C GLN B 1 -9.32 10.29 -3.64
N VAL B 2 -8.98 10.79 -2.46
CA VAL B 2 -9.59 11.99 -1.91
C VAL B 2 -8.63 13.16 -2.06
N GLN B 3 -9.16 14.37 -1.94
CA GLN B 3 -8.37 15.56 -1.68
C GLN B 3 -8.64 16.00 -0.25
N LEU B 4 -7.58 16.25 0.49
CA LEU B 4 -7.67 16.56 1.90
C LEU B 4 -7.24 18.00 2.15
N GLN B 5 -7.93 18.67 3.06
CA GLN B 5 -7.60 20.05 3.42
C GLN B 5 -7.60 20.19 4.93
N GLU B 6 -6.47 20.61 5.49
CA GLU B 6 -6.36 20.85 6.92
C GLU B 6 -6.89 22.23 7.29
N SER B 7 -7.51 22.30 8.48
CA SER B 7 -8.00 23.55 9.05
C SER B 7 -7.73 23.53 10.54
N GLY B 8 -7.83 24.71 11.16
CA GLY B 8 -7.81 24.82 12.60
C GLY B 8 -6.46 25.14 13.22
N GLY B 9 -5.42 25.34 12.40
CA GLY B 9 -4.13 25.71 12.94
C GLY B 9 -4.09 27.15 13.39
N GLY B 10 -3.03 27.50 14.11
CA GLY B 10 -2.82 28.88 14.49
C GLY B 10 -1.85 28.99 15.65
N LEU B 11 -1.87 30.17 16.27
CA LEU B 11 -0.96 30.47 17.39
C LEU B 11 -1.64 30.06 18.67
N VAL B 12 -0.87 29.53 19.61
CA VAL B 12 -1.43 29.13 20.92
C VAL B 12 -0.39 29.31 22.01
N GLN B 13 -0.82 29.73 23.18
CA GLN B 13 0.08 29.80 24.31
C GLN B 13 0.45 28.39 24.76
N PRO B 14 1.64 28.19 25.32
CA PRO B 14 1.96 26.88 25.92
C PRO B 14 0.95 26.50 26.99
N GLY B 15 0.41 25.29 26.89
CA GLY B 15 -0.62 24.80 27.78
C GLY B 15 -2.01 24.80 27.19
N GLY B 16 -2.21 25.44 26.04
CA GLY B 16 -3.53 25.59 25.44
C GLY B 16 -3.93 24.40 24.60
N SER B 17 -4.94 24.62 23.76
CA SER B 17 -5.54 23.55 22.97
C SER B 17 -5.81 24.03 21.55
N LEU B 18 -5.89 23.05 20.65
CA LEU B 18 -6.30 23.26 19.27
C LEU B 18 -7.03 22.02 18.78
N ARG B 19 -7.97 22.21 17.85
CA ARG B 19 -8.68 21.12 17.20
C ARG B 19 -8.52 21.27 15.69
N LEU B 20 -7.65 20.45 15.12
CA LEU B 20 -7.45 20.44 13.69
C LEU B 20 -8.54 19.64 13.00
N SER B 21 -8.85 20.04 11.76
CA SER B 21 -9.80 19.34 10.92
C SER B 21 -9.13 18.92 9.63
N CYS B 22 -9.50 17.75 9.14
CA CYS B 22 -9.05 17.21 7.87
C CYS B 22 -10.29 16.92 7.04
N ALA B 23 -10.65 17.85 6.15
CA ALA B 23 -11.84 17.71 5.32
C ALA B 23 -11.48 17.02 4.00
N ALA B 24 -12.27 16.03 3.63
CA ALA B 24 -12.06 15.25 2.41
C ALA B 24 -13.10 15.59 1.37
N SER B 25 -12.65 15.76 0.12
CA SER B 25 -13.52 15.97 -1.02
C SER B 25 -13.27 14.88 -2.07
N GLY B 26 -14.24 14.70 -2.95
CA GLY B 26 -14.18 13.64 -3.93
C GLY B 26 -14.84 12.37 -3.43
N ASP B 27 -14.04 11.40 -3.05
CA ASP B 27 -14.54 10.17 -2.46
C ASP B 27 -15.13 10.44 -1.07
N THR B 28 -16.00 9.53 -0.62
CA THR B 28 -16.33 9.53 0.80
C THR B 28 -15.19 8.91 1.58
N LEU B 29 -15.18 9.13 2.90
CA LEU B 29 -14.07 8.62 3.70
C LEU B 29 -14.27 7.17 4.15
N ASP B 30 -15.36 6.49 3.73
CA ASP B 30 -15.67 5.17 4.29
C ASP B 30 -14.49 4.22 4.24
N LEU B 31 -13.77 4.17 3.12
CA LEU B 31 -12.70 3.21 2.98
C LEU B 31 -11.34 3.73 3.43
N TYR B 32 -11.23 4.97 3.90
CA TYR B 32 -9.93 5.59 4.15
C TYR B 32 -9.52 5.51 5.61
N ALA B 33 -8.27 5.12 5.86
CA ALA B 33 -7.59 5.50 7.07
C ALA B 33 -7.09 6.93 6.92
N ILE B 34 -7.02 7.66 8.03
CA ILE B 34 -6.45 9.01 8.04
C ILE B 34 -5.36 9.06 9.09
N GLY B 35 -4.19 9.59 8.71
CA GLY B 35 -3.10 9.80 9.63
C GLY B 35 -2.75 11.27 9.74
N TRP B 36 -2.29 11.67 10.92
CA TRP B 36 -1.80 13.03 11.15
C TRP B 36 -0.29 13.00 11.28
N PHE B 37 0.38 13.88 10.53
CA PHE B 37 1.83 13.99 10.51
C PHE B 37 2.20 15.44 10.77
N ARG B 38 3.39 15.65 11.33
CA ARG B 38 3.91 17.00 11.56
C ARG B 38 5.33 17.10 11.05
N GLN B 39 5.74 18.32 10.73
CA GLN B 39 7.04 18.56 10.09
C GLN B 39 7.55 19.92 10.49
N THR B 40 8.70 19.91 11.17
CA THR B 40 9.37 21.17 11.56
C THR B 40 10.32 21.54 10.41
N PRO B 41 10.69 22.82 10.26
CA PRO B 41 11.55 23.23 9.16
C PRO B 41 12.83 22.42 8.96
N GLY B 42 13.10 22.03 7.71
CA GLY B 42 14.27 21.26 7.38
C GLY B 42 14.27 19.82 7.87
N GLU B 43 13.20 19.37 8.51
CA GLU B 43 13.15 18.03 9.11
C GLU B 43 12.22 17.14 8.31
N GLU B 44 12.08 15.90 8.78
CA GLU B 44 11.25 14.91 8.11
C GLU B 44 9.92 14.76 8.84
N ARG B 45 8.89 14.39 8.08
CA ARG B 45 7.55 14.22 8.63
C ARG B 45 7.52 13.12 9.68
N GLU B 46 7.00 13.44 10.86
CA GLU B 46 6.83 12.51 11.97
C GLU B 46 5.36 12.15 12.07
N GLY B 47 5.05 10.87 11.88
CA GLY B 47 3.70 10.41 12.17
C GLY B 47 3.35 10.62 13.63
N VAL B 48 2.12 11.08 13.88
CA VAL B 48 1.69 11.44 15.22
C VAL B 48 0.44 10.65 15.65
N SER B 49 -0.49 10.42 14.73
CA SER B 49 -1.73 9.75 15.10
C SER B 49 -2.42 9.25 13.84
N CYS B 50 -3.20 8.19 14.00
CA CYS B 50 -3.92 7.62 12.87
C CYS B 50 -5.20 6.96 13.36
N ILE B 51 -6.15 6.80 12.44
CA ILE B 51 -7.39 6.09 12.71
C ILE B 51 -7.69 5.16 11.53
N SER B 52 -8.09 3.93 11.83
CA SER B 52 -8.39 2.95 10.78
C SER B 52 -9.71 3.32 10.09
N PRO B 53 -9.95 2.76 8.90
CA PRO B 53 -11.26 2.99 8.24
C PRO B 53 -12.44 2.72 9.17
N SER B 54 -12.37 1.62 9.93
CA SER B 54 -13.48 1.26 10.81
C SER B 54 -13.62 2.21 11.99
N GLY B 55 -12.59 2.99 12.28
CA GLY B 55 -12.56 3.77 13.50
C GLY B 55 -12.34 2.97 14.76
N SER B 56 -12.16 1.66 14.65
CA SER B 56 -11.97 0.84 15.84
CA SER B 56 -11.97 0.84 15.85
C SER B 56 -10.54 0.89 16.38
N ARG B 57 -9.57 1.22 15.53
CA ARG B 57 -8.18 1.30 15.95
C ARG B 57 -7.69 2.73 15.80
N THR B 58 -7.17 3.30 16.89
CA THR B 58 -6.49 4.58 16.86
C THR B 58 -5.12 4.38 17.47
N ASN B 59 -4.06 4.82 16.79
CA ASN B 59 -2.71 4.72 17.31
C ASN B 59 -2.10 6.10 17.47
N TYR B 60 -1.29 6.27 18.50
CA TYR B 60 -0.68 7.56 18.84
C TYR B 60 0.82 7.37 19.03
N ALA B 61 1.61 8.32 18.53
CA ALA B 61 3.03 8.34 18.85
C ALA B 61 3.22 8.62 20.34
N ASP B 62 4.32 8.11 20.89
CA ASP B 62 4.57 8.26 22.30
C ASP B 62 4.68 9.73 22.70
N SER B 63 5.16 10.59 21.79
CA SER B 63 5.36 11.99 22.12
C SER B 63 4.06 12.72 22.41
N VAL B 64 2.93 12.24 21.91
CA VAL B 64 1.65 12.91 22.06
C VAL B 64 0.64 12.07 22.82
N LYS B 65 1.01 10.87 23.29
CA LYS B 65 0.03 10.00 23.93
C LYS B 65 -0.54 10.64 25.18
N GLY B 66 -1.88 10.59 25.30
CA GLY B 66 -2.57 11.18 26.41
C GLY B 66 -3.01 12.61 26.21
N ARG B 67 -2.36 13.35 25.31
CA ARG B 67 -2.73 14.75 25.06
C ARG B 67 -3.44 14.96 23.74
N PHE B 68 -3.27 14.07 22.76
CA PHE B 68 -3.91 14.17 21.46
C PHE B 68 -5.01 13.11 21.33
N THR B 69 -6.11 13.47 20.68
CA THR B 69 -7.19 12.52 20.40
C THR B 69 -7.64 12.67 18.96
N ILE B 70 -7.60 11.58 18.21
CA ILE B 70 -8.05 11.55 16.82
C ILE B 70 -9.45 10.95 16.76
N SER B 71 -10.26 11.45 15.84
CA SER B 71 -11.61 10.94 15.67
C SER B 71 -12.07 11.19 14.23
N ARG B 72 -13.07 10.41 13.80
CA ARG B 72 -13.59 10.51 12.45
C ARG B 72 -15.08 10.75 12.46
N ASP B 73 -15.56 11.49 11.46
CA ASP B 73 -16.98 11.70 11.24
C ASP B 73 -17.22 11.39 9.77
N ASN B 74 -17.68 10.17 9.50
CA ASN B 74 -17.89 9.73 8.12
C ASN B 74 -19.00 10.53 7.44
N ALA B 75 -20.01 10.94 8.20
CA ALA B 75 -21.10 11.70 7.60
C ALA B 75 -20.63 13.05 7.09
N LYS B 76 -19.71 13.70 7.81
CA LYS B 76 -19.13 14.97 7.37
C LYS B 76 -17.88 14.79 6.52
N ASN B 77 -17.39 13.56 6.38
CA ASN B 77 -16.14 13.26 5.67
C ASN B 77 -14.99 14.11 6.19
N THR B 78 -14.88 14.17 7.53
CA THR B 78 -13.87 14.95 8.21
C THR B 78 -13.28 14.12 9.34
N VAL B 79 -11.97 14.28 9.54
CA VAL B 79 -11.27 13.67 10.66
C VAL B 79 -10.68 14.80 11.51
N TYR B 80 -10.70 14.61 12.83
CA TYR B 80 -10.30 15.65 13.76
C TYR B 80 -9.09 15.21 14.57
N LEU B 81 -8.30 16.19 15.01
CA LEU B 81 -7.21 15.96 15.94
C LEU B 81 -7.36 16.98 17.06
N GLN B 82 -7.71 16.51 18.25
CA GLN B 82 -7.80 17.36 19.42
C GLN B 82 -6.42 17.39 20.08
N MET B 83 -5.86 18.59 20.25
CA MET B 83 -4.51 18.74 20.76
C MET B 83 -4.57 19.52 22.07
N ASN B 84 -4.38 18.82 23.18
CA ASN B 84 -4.41 19.43 24.51
C ASN B 84 -2.99 19.53 25.06
N GLY B 85 -2.84 20.39 26.08
CA GLY B 85 -1.55 20.56 26.74
C GLY B 85 -0.41 20.79 25.77
N LEU B 86 -0.59 21.76 24.88
CA LEU B 86 0.40 22.02 23.83
C LEU B 86 1.68 22.63 24.37
N ARG B 87 2.81 22.03 24.02
CA ARG B 87 4.14 22.51 24.45
C ARG B 87 4.80 23.10 23.22
N PRO B 88 5.82 23.98 23.33
CA PRO B 88 6.40 24.60 22.15
C PRO B 88 7.01 23.56 21.22
N GLU B 89 7.36 22.39 21.75
CA GLU B 89 7.89 21.28 20.94
C GLU B 89 6.86 20.85 19.89
N ASP B 90 5.58 21.07 20.15
CA ASP B 90 4.54 20.66 19.21
C ASP B 90 4.41 21.61 18.03
N THR B 91 5.15 22.72 18.03
CA THR B 91 5.12 23.64 16.90
C THR B 91 5.61 22.93 15.64
N ALA B 92 4.80 22.95 14.59
CA ALA B 92 5.14 22.34 13.31
C ALA B 92 3.99 22.60 12.33
N VAL B 93 4.27 22.33 11.05
CA VAL B 93 3.22 22.19 10.06
C VAL B 93 2.60 20.81 10.23
N TYR B 94 1.28 20.76 10.35
CA TYR B 94 0.56 19.51 10.55
C TYR B 94 -0.15 19.13 9.25
N PHE B 95 0.12 17.92 8.78
CA PHE B 95 -0.53 17.35 7.60
C PHE B 95 -1.45 16.20 8.02
N CYS B 96 -2.54 16.04 7.30
CA CYS B 96 -3.30 14.80 7.34
C CYS B 96 -3.12 14.07 6.01
N ALA B 97 -3.13 12.73 6.08
CA ALA B 97 -2.93 11.92 4.90
C ALA B 97 -3.92 10.74 4.93
N GLY B 98 -4.20 10.22 3.75
CA GLY B 98 -5.17 9.14 3.60
C GLY B 98 -4.60 7.94 2.87
N SER B 99 -5.13 6.78 3.23
CA SER B 99 -4.78 5.54 2.57
C SER B 99 -6.01 4.65 2.59
N ARG B 100 -5.93 3.54 1.85
CA ARG B 100 -7.01 2.56 1.85
C ARG B 100 -6.44 1.22 2.27
N PRO B 101 -6.30 0.99 3.57
CA PRO B 101 -5.81 -0.30 4.06
C PRO B 101 -6.96 -1.24 4.40
N SER B 102 -6.68 -2.33 5.09
CA SER B 102 -7.76 -3.16 5.61
C SER B 102 -8.48 -2.40 6.73
N ALA B 103 -9.66 -2.90 7.12
CA ALA B 103 -10.61 -2.09 7.88
C ALA B 103 -10.07 -1.63 9.23
N HIS B 104 -9.26 -2.44 9.89
CA HIS B 104 -8.78 -2.12 11.23
C HIS B 104 -7.30 -1.76 11.25
N TYR B 105 -6.75 -1.38 10.10
CA TYR B 105 -5.34 -1.02 10.00
C TYR B 105 -5.18 0.49 9.98
N CYS B 106 -4.16 0.98 10.70
CA CYS B 106 -3.60 2.29 10.39
C CYS B 106 -2.20 2.36 10.99
N SER B 107 -1.31 3.09 10.30
CA SER B 107 0.06 3.27 10.76
C SER B 107 0.42 4.75 10.80
N HIS B 108 1.63 5.02 11.33
CA HIS B 108 2.25 6.34 11.30
C HIS B 108 3.33 6.45 10.24
N TYR B 109 3.40 5.50 9.31
CA TYR B 109 4.49 5.46 8.33
C TYR B 109 4.10 6.28 7.10
N PRO B 110 4.77 7.39 6.82
CA PRO B 110 4.37 8.22 5.67
C PRO B 110 4.31 7.46 4.35
N THR B 111 5.19 6.48 4.13
CA THR B 111 5.17 5.81 2.83
C THR B 111 3.96 4.89 2.65
N GLU B 112 3.18 4.65 3.69
CA GLU B 112 1.96 3.85 3.58
C GLU B 112 0.72 4.69 3.29
N TYR B 113 0.88 5.98 3.02
CA TYR B 113 -0.23 6.85 2.70
C TYR B 113 -0.05 7.44 1.30
N ASP B 114 -1.16 7.61 0.59
CA ASP B 114 -1.19 8.09 -0.79
C ASP B 114 -1.53 9.57 -0.89
N ASP B 115 -2.59 9.98 -0.22
CA ASP B 115 -3.17 11.30 -0.42
C ASP B 115 -2.77 12.21 0.73
N TRP B 116 -2.29 13.41 0.39
CA TRP B 116 -1.76 14.33 1.37
C TRP B 116 -2.44 15.68 1.22
N GLY B 117 -2.62 16.35 2.35
CA GLY B 117 -3.09 17.72 2.34
C GLY B 117 -1.94 18.69 2.29
N GLN B 118 -2.27 19.98 2.17
CA GLN B 118 -1.26 21.02 2.11
C GLN B 118 -0.64 21.32 3.47
N GLY B 119 -1.34 21.02 4.55
CA GLY B 119 -0.85 21.32 5.87
C GLY B 119 -1.34 22.65 6.40
N THR B 120 -1.26 22.79 7.72
CA THR B 120 -1.58 24.03 8.41
C THR B 120 -0.55 24.22 9.52
N GLN B 121 -0.26 25.49 9.84
CA GLN B 121 0.78 25.81 10.80
C GLN B 121 0.22 25.83 12.22
N VAL B 122 0.88 25.10 13.11
CA VAL B 122 0.62 25.19 14.54
C VAL B 122 1.84 25.79 15.21
N THR B 123 1.62 26.86 15.98
CA THR B 123 2.71 27.59 16.62
C THR B 123 2.38 27.73 18.10
N VAL B 124 3.18 27.08 18.94
CA VAL B 124 2.99 27.16 20.38
C VAL B 124 4.01 28.11 20.97
C1 NAG C . -2.49 -16.64 7.65
C2 NAG C . -4.02 -16.63 7.58
C3 NAG C . -4.61 -15.87 8.78
C4 NAG C . -3.99 -16.31 10.11
C5 NAG C . -2.48 -16.30 10.02
C6 NAG C . -1.81 -16.85 11.26
C7 NAG C . -5.19 -16.63 5.42
C8 NAG C . -5.55 -15.82 4.21
N2 NAG C . -4.46 -16.01 6.34
O3 NAG C . -6.02 -16.10 8.80
O4 NAG C . -4.35 -15.38 11.11
O5 NAG C . -2.06 -17.12 8.93
O6 NAG C . -2.07 -18.24 11.36
O7 NAG C . -5.55 -17.80 5.54
C1 NAG C . -5.02 -15.99 12.24
C2 NAG C . -5.22 -14.90 13.29
C3 NAG C . -6.00 -15.44 14.48
C4 NAG C . -7.29 -16.11 14.02
C5 NAG C . -6.99 -17.14 12.93
C6 NAG C . -8.23 -17.76 12.34
C7 NAG C . -3.33 -13.32 13.12
C8 NAG C . -2.02 -12.90 13.72
N2 NAG C . -3.94 -14.36 13.73
O3 NAG C . -6.29 -14.39 15.38
O4 NAG C . -7.91 -16.77 15.12
O5 NAG C . -6.29 -16.51 11.85
O6 NAG C . -7.93 -18.51 11.18
O7 NAG C . -3.82 -12.76 12.15
C1 MAN C . -1.73 -18.75 12.67
C2 MAN C . -0.64 -19.83 12.47
C3 MAN C . -1.24 -21.08 11.78
C4 MAN C . -2.52 -21.54 12.52
C5 MAN C . -3.51 -20.36 12.54
C6 MAN C . -4.87 -20.69 13.13
O2 MAN C . -0.10 -20.27 13.72
O3 MAN C . -0.31 -22.16 11.68
O4 MAN C . -3.12 -22.66 11.88
O5 MAN C . -2.89 -19.26 13.29
O6 MAN C . -5.85 -20.18 12.22
#